data_1LWI
#
_entry.id   1LWI
#
_cell.length_a   46.900
_cell.length_b   139.100
_cell.length_c   53.300
_cell.angle_alpha   90.00
_cell.angle_beta   113.50
_cell.angle_gamma   90.00
#
_symmetry.space_group_name_H-M   'P 1 21 1'
#
loop_
_entity.id
_entity.type
_entity.pdbx_description
1 polymer '3-ALPHA-HYDROXYSTEROID/DIHYDRODIOL DEHYDROGENASE'
2 non-polymer 'NADP NICOTINAMIDE-ADENINE-DINUCLEOTIDE PHOSPHATE'
3 water water
#
_entity_poly.entity_id   1
_entity_poly.type   'polypeptide(L)'
_entity_poly.pdbx_seq_one_letter_code
;MDSISLRVALNDGNFIPVLGFGTTVPEKVAKDEVIKATKIAIDNGFRHFDSAYLYEVEEEVGQAIRSKIEDGTVKREDIF
YTSKLWSTFHRPELVRTCLEKTLKSTQLDYVDLYIIHFPMALQPGDIFFPRDEHGKLLFETVDICDTWEAMEKCKDAGLA
KSIGVSNFNCRQLERILNKPGLKYKPVCNQVECHLYLNQSKMLDYCKSKDIILVSYCTLGSSRDKTWVDQKSPVLLDDPV
LCAIAKKYKQTPALVALRYQLQRGVVPLIRSFNAKRIKELTQVFEFQLASEDMKALDGLNRNFRYNNAKYFDDHPNHPFT
DE
;
_entity_poly.pdbx_strand_id   A,B
#
# COMPACT_ATOMS: atom_id res chain seq x y z
N MET A 1 -24.71 -6.61 -18.47
CA MET A 1 -24.62 -7.69 -19.49
C MET A 1 -25.39 -7.23 -20.72
N ASP A 2 -24.73 -7.15 -21.87
CA ASP A 2 -25.31 -6.73 -23.16
C ASP A 2 -24.69 -5.45 -23.78
N SER A 3 -25.01 -4.27 -23.27
CA SER A 3 -24.46 -3.06 -23.88
C SER A 3 -23.05 -2.61 -23.50
N ILE A 4 -22.63 -2.91 -22.28
CA ILE A 4 -21.29 -2.52 -21.84
C ILE A 4 -20.19 -3.39 -22.44
N SER A 5 -20.57 -4.36 -23.26
CA SER A 5 -19.59 -5.19 -23.91
C SER A 5 -19.61 -4.94 -25.41
N LEU A 6 -20.35 -3.91 -25.82
CA LEU A 6 -20.44 -3.53 -27.22
C LEU A 6 -19.18 -2.74 -27.50
N ARG A 7 -18.66 -2.84 -28.72
CA ARG A 7 -17.41 -2.26 -29.10
C ARG A 7 -17.33 -0.94 -29.88
N VAL A 8 -16.20 -0.26 -29.69
CA VAL A 8 -15.88 1.01 -30.34
C VAL A 8 -14.63 0.75 -31.20
N ALA A 9 -14.49 1.44 -32.33
CA ALA A 9 -13.33 1.23 -33.21
C ALA A 9 -11.98 1.73 -32.76
N LEU A 10 -10.95 1.00 -33.17
CA LEU A 10 -9.54 1.29 -32.91
C LEU A 10 -8.98 1.65 -34.28
N ASN A 11 -7.99 2.51 -34.36
CA ASN A 11 -7.44 2.92 -35.65
C ASN A 11 -6.68 1.91 -36.44
N ASP A 12 -6.69 0.66 -36.00
CA ASP A 12 -5.97 -0.37 -36.71
C ASP A 12 -6.89 -1.45 -37.24
N GLY A 13 -8.18 -1.20 -37.16
CA GLY A 13 -9.14 -2.18 -37.63
C GLY A 13 -9.77 -2.99 -36.54
N ASN A 14 -9.22 -2.96 -35.33
CA ASN A 14 -9.78 -3.71 -34.21
C ASN A 14 -10.83 -2.90 -33.45
N PHE A 15 -11.58 -3.55 -32.56
CA PHE A 15 -12.62 -2.86 -31.79
C PHE A 15 -12.41 -3.21 -30.33
N ILE A 16 -12.74 -2.28 -29.45
CA ILE A 16 -12.54 -2.47 -28.03
C ILE A 16 -13.84 -2.32 -27.26
N PRO A 17 -14.14 -3.24 -26.32
CA PRO A 17 -15.38 -3.16 -25.53
C PRO A 17 -15.38 -1.78 -24.87
N VAL A 18 -16.54 -1.15 -24.84
CA VAL A 18 -16.68 0.21 -24.33
C VAL A 18 -16.43 0.51 -22.83
N LEU A 19 -16.47 -0.51 -21.99
CA LEU A 19 -16.25 -0.32 -20.57
C LEU A 19 -15.25 -1.35 -20.16
N GLY A 20 -14.18 -0.89 -19.52
CA GLY A 20 -13.12 -1.77 -19.07
C GLY A 20 -13.16 -2.02 -17.59
N PHE A 21 -12.51 -3.09 -17.19
CA PHE A 21 -12.49 -3.49 -15.80
C PHE A 21 -11.04 -3.60 -15.38
N GLY A 22 -10.65 -2.82 -14.38
CA GLY A 22 -9.29 -2.84 -13.87
C GLY A 22 -9.02 -4.03 -12.95
N THR A 23 -7.77 -4.49 -12.93
CA THR A 23 -7.38 -5.62 -12.11
C THR A 23 -6.20 -5.23 -11.20
N THR A 24 -6.51 -4.65 -10.06
CA THR A 24 -5.51 -4.18 -9.10
C THR A 24 -6.14 -4.43 -7.73
N VAL A 25 -5.53 -5.34 -7.00
CA VAL A 25 -6.04 -5.80 -5.72
C VAL A 25 -6.84 -4.90 -4.75
N PRO A 26 -6.16 -4.06 -3.98
CA PRO A 26 -6.98 -3.26 -3.06
C PRO A 26 -7.90 -2.30 -3.79
N ALA A 30 -6.02 -9.33 -1.25
CA ALA A 30 -5.59 -10.71 -1.56
C ALA A 30 -5.72 -11.01 -3.06
N LYS A 31 -4.62 -11.38 -3.71
CA LYS A 31 -4.66 -11.71 -5.14
C LYS A 31 -5.85 -12.61 -5.42
N ASP A 32 -6.09 -13.54 -4.50
CA ASP A 32 -7.18 -14.50 -4.57
C ASP A 32 -8.55 -13.84 -4.86
N GLU A 33 -8.74 -12.59 -4.43
CA GLU A 33 -10.00 -11.93 -4.68
C GLU A 33 -10.12 -11.39 -6.10
N VAL A 34 -8.99 -11.26 -6.77
CA VAL A 34 -8.98 -10.75 -8.14
C VAL A 34 -9.71 -11.75 -9.02
N ILE A 35 -9.32 -13.00 -8.92
CA ILE A 35 -9.98 -14.02 -9.73
C ILE A 35 -11.50 -14.07 -9.49
N LYS A 36 -11.94 -13.91 -8.26
CA LYS A 36 -13.38 -13.96 -8.01
C LYS A 36 -14.09 -12.72 -8.52
N ALA A 37 -13.41 -11.58 -8.54
CA ALA A 37 -14.04 -10.36 -9.02
C ALA A 37 -14.12 -10.42 -10.54
N THR A 38 -13.07 -10.89 -11.19
CA THR A 38 -13.06 -11.00 -12.65
C THR A 38 -14.20 -11.90 -13.12
N LYS A 39 -14.42 -13.01 -12.43
CA LYS A 39 -15.48 -13.96 -12.73
C LYS A 39 -16.86 -13.34 -12.59
N ILE A 40 -17.07 -12.61 -11.50
CA ILE A 40 -18.35 -11.95 -11.26
C ILE A 40 -18.52 -10.89 -12.33
N ALA A 41 -17.43 -10.19 -12.67
CA ALA A 41 -17.47 -9.15 -13.70
C ALA A 41 -17.86 -9.73 -15.06
N ILE A 42 -17.21 -10.82 -15.47
CA ILE A 42 -17.51 -11.48 -16.74
C ILE A 42 -18.96 -11.95 -16.82
N ASP A 43 -19.47 -12.53 -15.74
CA ASP A 43 -20.86 -12.98 -15.71
C ASP A 43 -21.81 -11.82 -15.87
N ASN A 44 -21.36 -10.62 -15.53
CA ASN A 44 -22.19 -9.45 -15.64
C ASN A 44 -22.08 -8.68 -16.94
N GLY A 45 -21.29 -9.17 -17.88
CA GLY A 45 -21.20 -8.49 -19.15
C GLY A 45 -19.87 -7.84 -19.47
N PHE A 46 -18.92 -7.83 -18.55
CA PHE A 46 -17.63 -7.21 -18.80
C PHE A 46 -16.76 -8.05 -19.71
N ARG A 47 -16.23 -7.42 -20.75
CA ARG A 47 -15.39 -8.11 -21.73
C ARG A 47 -14.07 -7.43 -21.97
N HIS A 48 -13.75 -6.44 -21.16
CA HIS A 48 -12.55 -5.66 -21.34
C HIS A 48 -11.86 -5.65 -20.00
N PHE A 49 -10.75 -6.38 -19.91
CA PHE A 49 -9.99 -6.48 -18.68
C PHE A 49 -8.66 -5.82 -18.84
N ASP A 50 -8.31 -5.01 -17.87
CA ASP A 50 -7.09 -4.24 -17.92
C ASP A 50 -6.18 -4.65 -16.78
N SER A 51 -5.00 -5.16 -17.14
CA SER A 51 -4.01 -5.57 -16.15
C SER A 51 -2.64 -5.07 -16.57
N ALA A 52 -1.59 -5.54 -15.90
CA ALA A 52 -0.23 -5.14 -16.20
C ALA A 52 0.80 -5.99 -15.47
N TYR A 53 2.00 -6.02 -16.05
CA TYR A 53 3.14 -6.73 -15.48
C TYR A 53 3.30 -6.33 -14.02
N LEU A 54 3.33 -5.01 -13.81
CA LEU A 54 3.48 -4.39 -12.51
C LEU A 54 2.51 -4.89 -11.45
N TYR A 55 1.23 -5.05 -11.82
CA TYR A 55 0.19 -5.48 -10.89
C TYR A 55 0.42 -6.81 -10.19
N GLU A 56 1.22 -7.68 -10.79
CA GLU A 56 1.53 -8.99 -10.22
C GLU A 56 0.28 -9.80 -10.00
N VAL A 57 -0.68 -9.70 -10.92
CA VAL A 57 -1.92 -10.42 -10.80
C VAL A 57 -2.40 -10.97 -12.12
N GLU A 58 -1.55 -10.97 -13.13
CA GLU A 58 -1.96 -11.50 -14.43
C GLU A 58 -2.27 -12.99 -14.41
N GLU A 59 -1.54 -13.72 -13.56
CA GLU A 59 -1.77 -15.15 -13.38
C GLU A 59 -3.19 -15.29 -12.87
N GLU A 60 -3.49 -14.62 -11.77
CA GLU A 60 -4.81 -14.67 -11.19
C GLU A 60 -5.90 -14.25 -12.19
N VAL A 61 -5.61 -13.28 -13.05
CA VAL A 61 -6.61 -12.84 -14.03
C VAL A 61 -6.79 -13.89 -15.14
N GLY A 62 -5.71 -14.57 -15.48
CA GLY A 62 -5.82 -15.58 -16.51
C GLY A 62 -6.71 -16.74 -16.05
N GLN A 63 -6.52 -17.18 -14.82
CA GLN A 63 -7.29 -18.29 -14.29
C GLN A 63 -8.78 -17.96 -14.32
N ALA A 64 -9.10 -16.73 -13.93
CA ALA A 64 -10.47 -16.26 -13.91
C ALA A 64 -11.07 -16.24 -15.32
N ILE A 65 -10.30 -15.73 -16.28
CA ILE A 65 -10.75 -15.65 -17.67
C ILE A 65 -10.97 -17.05 -18.23
N ARG A 66 -9.95 -17.89 -18.10
CA ARG A 66 -10.01 -19.26 -18.60
C ARG A 66 -11.05 -20.17 -17.91
N SER A 67 -11.43 -19.83 -16.67
CA SER A 67 -12.47 -20.58 -16.00
C SER A 67 -13.76 -20.36 -16.77
N LYS A 68 -13.97 -19.12 -17.24
CA LYS A 68 -15.18 -18.78 -17.98
C LYS A 68 -15.14 -19.25 -19.43
N ILE A 69 -13.96 -19.51 -19.98
CA ILE A 69 -13.85 -20.03 -21.34
C ILE A 69 -14.28 -21.49 -21.20
N GLU A 70 -13.66 -22.17 -20.22
CA GLU A 70 -13.96 -23.56 -19.92
C GLU A 70 -15.44 -23.82 -19.66
N ASP A 71 -16.06 -22.99 -18.84
CA ASP A 71 -17.48 -23.21 -18.59
C ASP A 71 -18.36 -22.71 -19.73
N GLY A 72 -17.72 -22.32 -20.83
CA GLY A 72 -18.42 -21.87 -22.01
C GLY A 72 -19.21 -20.57 -21.92
N THR A 73 -18.97 -19.78 -20.88
CA THR A 73 -19.65 -18.50 -20.73
C THR A 73 -19.15 -17.54 -21.79
N VAL A 74 -17.87 -17.66 -22.09
CA VAL A 74 -17.20 -16.76 -23.01
C VAL A 74 -16.12 -17.51 -23.82
N LYS A 75 -15.76 -16.97 -24.98
CA LYS A 75 -14.71 -17.55 -25.80
C LYS A 75 -13.54 -16.58 -25.72
N ARG A 76 -12.34 -17.02 -26.09
CA ARG A 76 -11.14 -16.17 -26.07
C ARG A 76 -11.39 -14.89 -26.87
N GLU A 77 -11.97 -15.04 -28.05
CA GLU A 77 -12.26 -13.92 -28.92
C GLU A 77 -13.26 -12.92 -28.37
N ASP A 78 -13.94 -13.27 -27.29
CA ASP A 78 -14.94 -12.39 -26.69
C ASP A 78 -14.31 -11.49 -25.67
N ILE A 79 -13.11 -11.85 -25.26
CA ILE A 79 -12.38 -11.14 -24.24
C ILE A 79 -11.34 -10.22 -24.84
N PHE A 80 -11.27 -9.02 -24.31
CA PHE A 80 -10.29 -8.06 -24.73
C PHE A 80 -9.41 -7.91 -23.50
N TYR A 81 -8.17 -8.34 -23.62
CA TYR A 81 -7.24 -8.27 -22.51
C TYR A 81 -6.10 -7.30 -22.79
N THR A 82 -5.91 -6.36 -21.88
CA THR A 82 -4.86 -5.35 -22.00
C THR A 82 -3.75 -5.58 -20.98
N SER A 83 -2.51 -5.45 -21.42
CA SER A 83 -1.37 -5.55 -20.52
C SER A 83 -0.44 -4.37 -20.83
N LYS A 84 0.48 -4.07 -19.92
CA LYS A 84 1.39 -2.95 -20.12
C LYS A 84 2.85 -3.33 -19.92
N LEU A 85 3.71 -2.79 -20.78
CA LEU A 85 5.17 -2.97 -20.75
C LEU A 85 5.71 -2.23 -19.52
N TRP A 86 6.50 -2.89 -18.68
CA TRP A 86 7.06 -2.19 -17.51
C TRP A 86 8.34 -1.46 -17.90
N SER A 87 8.64 -0.38 -17.18
CA SER A 87 9.80 0.47 -17.43
C SER A 87 11.18 -0.15 -17.51
N THR A 88 11.43 -1.19 -16.72
CA THR A 88 12.71 -1.85 -16.74
C THR A 88 12.91 -2.60 -18.07
N PHE A 89 11.81 -2.79 -18.81
CA PHE A 89 11.86 -3.49 -20.08
C PHE A 89 11.73 -2.56 -21.30
N HIS A 90 12.18 -1.33 -21.17
CA HIS A 90 12.10 -0.38 -22.28
C HIS A 90 13.10 -0.57 -23.40
N ARG A 91 14.23 -1.22 -23.12
CA ARG A 91 15.25 -1.44 -24.16
C ARG A 91 14.60 -2.26 -25.26
N PRO A 92 14.88 -1.91 -26.52
CA PRO A 92 14.30 -2.64 -27.66
C PRO A 92 14.39 -4.16 -27.52
N GLU A 93 15.50 -4.66 -26.99
CA GLU A 93 15.68 -6.11 -26.83
C GLU A 93 14.82 -6.75 -25.76
N LEU A 94 14.58 -6.04 -24.66
CA LEU A 94 13.80 -6.57 -23.55
C LEU A 94 12.29 -6.39 -23.64
N VAL A 95 11.81 -5.72 -24.67
CA VAL A 95 10.39 -5.46 -24.83
C VAL A 95 9.58 -6.74 -24.93
N ARG A 96 9.99 -7.62 -25.83
CA ARG A 96 9.27 -8.87 -26.04
C ARG A 96 9.46 -9.84 -24.90
N THR A 97 10.56 -9.68 -24.16
CA THR A 97 10.82 -10.54 -23.03
C THR A 97 9.64 -10.26 -22.12
N CYS A 98 9.40 -8.99 -21.86
CA CYS A 98 8.32 -8.58 -21.00
C CYS A 98 6.97 -9.17 -21.41
N LEU A 99 6.62 -9.00 -22.69
CA LEU A 99 5.35 -9.50 -23.23
C LEU A 99 5.26 -11.00 -23.08
N GLU A 100 6.34 -11.70 -23.37
CA GLU A 100 6.37 -13.15 -23.25
C GLU A 100 6.14 -13.62 -21.82
N LYS A 101 6.60 -12.85 -20.84
CA LYS A 101 6.34 -13.21 -19.46
C LYS A 101 4.85 -13.12 -19.19
N THR A 102 4.21 -12.08 -19.72
CA THR A 102 2.76 -11.89 -19.56
C THR A 102 2.00 -13.04 -20.20
N LEU A 103 2.35 -13.41 -21.43
CA LEU A 103 1.67 -14.51 -22.13
C LEU A 103 1.81 -15.83 -21.38
N LYS A 104 3.00 -16.05 -20.81
CA LYS A 104 3.25 -17.27 -20.04
C LYS A 104 2.41 -17.22 -18.79
N SER A 105 2.42 -16.10 -18.09
CA SER A 105 1.67 -15.97 -16.87
C SER A 105 0.16 -16.10 -17.03
N THR A 106 -0.39 -15.56 -18.11
CA THR A 106 -1.84 -15.61 -18.31
C THR A 106 -2.31 -16.82 -19.10
N GLN A 107 -1.39 -17.44 -19.83
CA GLN A 107 -1.71 -18.61 -20.64
C GLN A 107 -2.59 -18.27 -21.82
N LEU A 108 -2.58 -17.00 -22.22
CA LEU A 108 -3.33 -16.54 -23.38
C LEU A 108 -2.29 -16.63 -24.52
N ASP A 109 -2.73 -16.82 -25.74
CA ASP A 109 -1.77 -16.92 -26.84
C ASP A 109 -1.21 -15.56 -27.19
N TYR A 110 -1.99 -14.52 -26.93
CA TYR A 110 -1.59 -13.14 -27.23
C TYR A 110 -2.39 -12.23 -26.34
N VAL A 111 -2.09 -10.93 -26.40
CA VAL A 111 -2.80 -9.89 -25.65
C VAL A 111 -3.47 -9.06 -26.73
N ASP A 112 -4.66 -8.55 -26.44
CA ASP A 112 -5.38 -7.74 -27.42
C ASP A 112 -4.82 -6.35 -27.54
N LEU A 113 -4.24 -5.84 -26.46
CA LEU A 113 -3.67 -4.52 -26.47
C LEU A 113 -2.46 -4.45 -25.56
N TYR A 114 -1.32 -4.07 -26.12
CA TYR A 114 -0.10 -3.94 -25.35
C TYR A 114 0.26 -2.46 -25.38
N ILE A 115 0.49 -1.88 -24.20
CA ILE A 115 0.79 -0.47 -24.13
C ILE A 115 1.98 -0.21 -23.22
N ILE A 116 2.76 0.84 -23.54
CA ILE A 116 3.90 1.24 -22.71
C ILE A 116 3.29 1.93 -21.48
N HIS A 117 3.48 1.35 -20.30
CA HIS A 117 2.92 1.87 -19.05
C HIS A 117 3.29 3.31 -18.71
N PHE A 118 4.55 3.66 -18.89
CA PHE A 118 5.09 5.00 -18.61
C PHE A 118 6.17 5.32 -19.66
N PRO A 119 6.43 6.60 -19.92
CA PRO A 119 7.47 6.92 -20.91
C PRO A 119 8.88 6.74 -20.34
N MET A 120 9.06 6.99 -19.04
CA MET A 120 10.37 6.85 -18.42
C MET A 120 10.88 5.43 -18.39
N ALA A 121 12.18 5.27 -18.59
CA ALA A 121 12.80 3.94 -18.59
C ALA A 121 13.65 3.76 -17.33
N LEU A 122 13.68 2.55 -16.80
CA LEU A 122 14.46 2.27 -15.60
C LEU A 122 15.38 1.14 -15.99
N GLN A 123 16.52 1.01 -15.31
CA GLN A 123 17.47 -0.03 -15.66
C GLN A 123 16.92 -1.44 -15.53
N PRO A 124 17.24 -2.30 -16.49
CA PRO A 124 16.77 -3.69 -16.51
C PRO A 124 17.26 -4.45 -15.30
N GLY A 125 16.34 -5.15 -14.64
CA GLY A 125 16.71 -5.92 -13.47
C GLY A 125 15.59 -6.85 -13.05
N ASP A 126 15.60 -7.25 -11.79
CA ASP A 126 14.59 -8.15 -11.25
C ASP A 126 13.80 -7.36 -10.23
N ILE A 127 14.04 -6.05 -10.18
CA ILE A 127 13.37 -5.15 -9.26
C ILE A 127 12.44 -4.26 -10.06
N PHE A 128 11.26 -3.96 -9.55
CA PHE A 128 10.36 -3.09 -10.28
C PHE A 128 10.93 -1.65 -10.28
N PHE A 129 11.26 -1.15 -9.09
CA PHE A 129 11.81 0.20 -8.94
C PHE A 129 13.20 0.18 -8.30
N PRO A 130 14.26 -0.07 -9.10
CA PRO A 130 15.64 -0.12 -8.63
C PRO A 130 16.18 1.25 -8.15
N ARG A 131 16.92 1.27 -7.05
CA ARG A 131 17.48 2.49 -6.51
C ARG A 131 18.95 2.43 -6.07
N ASP A 132 19.60 3.58 -6.03
CA ASP A 132 21.00 3.70 -5.61
C ASP A 132 21.17 3.69 -4.07
N GLU A 133 22.43 3.86 -3.64
CA GLU A 133 22.79 3.90 -2.22
C GLU A 133 21.83 4.81 -1.48
N HIS A 134 21.67 6.05 -1.96
CA HIS A 134 20.75 7.00 -1.32
C HIS A 134 19.28 6.68 -1.59
N GLY A 135 18.99 5.47 -2.01
CA GLY A 135 17.60 5.11 -2.31
C GLY A 135 16.95 5.98 -3.39
N LYS A 136 17.65 6.22 -4.49
CA LYS A 136 17.12 7.05 -5.58
C LYS A 136 16.95 6.20 -6.83
N LEU A 137 15.90 6.47 -7.59
CA LEU A 137 15.60 5.68 -8.79
C LEU A 137 16.68 5.66 -9.87
N LEU A 138 16.98 4.46 -10.36
CA LEU A 138 17.97 4.29 -11.41
C LEU A 138 17.29 4.47 -12.76
N PHE A 139 17.19 5.72 -13.20
CA PHE A 139 16.56 5.98 -14.48
C PHE A 139 17.56 5.59 -15.53
N GLU A 140 17.09 5.51 -16.77
CA GLU A 140 17.94 5.14 -17.90
C GLU A 140 17.37 5.78 -19.14
N THR A 141 18.22 6.27 -20.03
CA THR A 141 17.73 6.93 -21.22
C THR A 141 17.55 5.99 -22.39
N VAL A 142 16.31 5.79 -22.79
CA VAL A 142 16.01 4.93 -23.92
C VAL A 142 14.96 5.74 -24.67
N ASP A 143 15.22 6.03 -25.92
CA ASP A 143 14.30 6.83 -26.73
C ASP A 143 13.01 6.06 -26.97
N ILE A 144 11.88 6.65 -26.57
CA ILE A 144 10.57 6.03 -26.75
C ILE A 144 10.32 5.55 -28.17
N CYS A 145 10.91 6.22 -29.15
CA CYS A 145 10.75 5.80 -30.53
C CYS A 145 11.42 4.44 -30.73
N ASP A 146 12.44 4.15 -29.93
CA ASP A 146 13.11 2.85 -30.01
C ASP A 146 12.21 1.80 -29.37
N THR A 147 11.61 2.13 -28.22
CA THR A 147 10.71 1.21 -27.58
C THR A 147 9.51 0.98 -28.47
N TRP A 148 9.04 2.05 -29.11
CA TRP A 148 7.90 1.94 -29.99
C TRP A 148 8.17 0.95 -31.12
N GLU A 149 9.34 1.09 -31.74
CA GLU A 149 9.74 0.19 -32.82
C GLU A 149 9.70 -1.25 -32.32
N ALA A 150 10.17 -1.47 -31.10
CA ALA A 150 10.11 -2.81 -30.57
C ALA A 150 8.63 -3.25 -30.43
N MET A 151 7.75 -2.33 -30.05
CA MET A 151 6.33 -2.64 -29.88
C MET A 151 5.72 -3.08 -31.19
N GLU A 152 6.01 -2.34 -32.25
CA GLU A 152 5.50 -2.64 -33.57
C GLU A 152 5.90 -4.03 -33.98
N LYS A 153 7.10 -4.45 -33.57
CA LYS A 153 7.60 -5.78 -33.89
C LYS A 153 6.72 -6.82 -33.20
N CYS A 154 6.25 -6.49 -32.00
CA CYS A 154 5.36 -7.38 -31.23
C CYS A 154 4.05 -7.60 -31.98
N LYS A 155 3.48 -6.52 -32.50
CA LYS A 155 2.24 -6.60 -33.25
C LYS A 155 2.46 -7.41 -34.51
N ASP A 156 3.58 -7.18 -35.19
CA ASP A 156 3.90 -7.93 -36.40
C ASP A 156 4.03 -9.41 -36.10
N ALA A 157 4.67 -9.74 -34.99
CA ALA A 157 4.82 -11.13 -34.58
C ALA A 157 3.46 -11.72 -34.16
N GLY A 158 2.44 -10.87 -34.11
CA GLY A 158 1.13 -11.36 -33.72
C GLY A 158 0.99 -11.65 -32.25
N LEU A 159 1.88 -11.13 -31.42
CA LEU A 159 1.80 -11.35 -29.97
C LEU A 159 0.86 -10.36 -29.30
N ALA A 160 0.67 -9.22 -29.95
CA ALA A 160 -0.21 -8.18 -29.44
C ALA A 160 -1.07 -7.79 -30.63
N LYS A 161 -2.38 -7.89 -30.49
CA LYS A 161 -3.25 -7.48 -31.58
C LYS A 161 -3.11 -6.00 -31.85
N SER A 162 -3.19 -5.18 -30.80
CA SER A 162 -3.05 -3.76 -30.94
C SER A 162 -1.98 -3.27 -29.97
N ILE A 163 -1.41 -2.10 -30.23
CA ILE A 163 -0.39 -1.49 -29.37
C ILE A 163 -0.74 -0.03 -29.10
N GLY A 164 -0.46 0.45 -27.91
CA GLY A 164 -0.78 1.83 -27.59
C GLY A 164 0.17 2.32 -26.52
N VAL A 165 -0.18 3.42 -25.88
CA VAL A 165 0.64 3.99 -24.84
C VAL A 165 -0.21 4.38 -23.64
N SER A 166 0.46 4.82 -22.57
CA SER A 166 -0.21 5.20 -21.35
C SER A 166 0.65 6.29 -20.70
N ASN A 167 -0.03 7.29 -20.14
CA ASN A 167 0.64 8.38 -19.45
C ASN A 167 1.56 9.22 -20.30
N PHE A 168 1.22 9.39 -21.57
CA PHE A 168 1.99 10.20 -22.50
C PHE A 168 1.35 11.58 -22.60
N ASN A 169 2.19 12.61 -22.52
CA ASN A 169 1.73 13.99 -22.67
C ASN A 169 1.76 14.39 -24.15
N CYS A 170 1.31 15.60 -24.45
CA CYS A 170 1.26 16.06 -25.83
C CYS A 170 2.57 15.96 -26.64
N ARG A 171 3.70 16.36 -26.06
CA ARG A 171 4.95 16.29 -26.81
C ARG A 171 5.43 14.85 -27.03
N GLN A 172 5.28 14.00 -26.00
CA GLN A 172 5.68 12.59 -26.08
C GLN A 172 4.79 11.86 -27.09
N LEU A 173 3.52 12.22 -27.13
CA LEU A 173 2.61 11.58 -28.04
C LEU A 173 2.96 11.99 -29.46
N GLU A 174 3.29 13.26 -29.66
CA GLU A 174 3.65 13.76 -30.99
C GLU A 174 4.90 13.14 -31.52
N ARG A 175 5.84 12.89 -30.61
CA ARG A 175 7.12 12.30 -30.95
C ARG A 175 6.90 11.00 -31.67
N ILE A 176 5.97 10.19 -31.17
CA ILE A 176 5.68 8.92 -31.82
C ILE A 176 5.03 9.18 -33.16
N LEU A 177 3.97 9.98 -33.14
CA LEU A 177 3.25 10.30 -34.37
C LEU A 177 4.14 10.89 -35.47
N ASN A 178 5.22 11.54 -35.08
CA ASN A 178 6.09 12.17 -36.06
C ASN A 178 7.38 11.43 -36.31
N LYS A 179 7.55 10.31 -35.64
CA LYS A 179 8.73 9.49 -35.82
C LYS A 179 8.81 9.05 -37.28
N PRO A 180 9.94 9.30 -37.96
CA PRO A 180 10.05 8.88 -39.36
C PRO A 180 9.98 7.35 -39.47
N GLY A 181 9.20 6.87 -40.43
CA GLY A 181 9.03 5.43 -40.61
C GLY A 181 8.05 4.81 -39.63
N LEU A 182 7.12 5.61 -39.14
CA LEU A 182 6.13 5.10 -38.22
C LEU A 182 5.39 3.98 -38.97
N LYS A 183 5.28 2.81 -38.36
CA LYS A 183 4.57 1.70 -39.01
C LYS A 183 3.12 1.60 -38.49
N TYR A 184 2.97 1.75 -37.17
CA TYR A 184 1.67 1.66 -36.54
C TYR A 184 1.61 2.74 -35.48
N LYS A 185 0.54 3.53 -35.49
CA LYS A 185 0.40 4.56 -34.47
C LYS A 185 -0.40 3.99 -33.29
N PRO A 186 -0.16 4.52 -32.08
CA PRO A 186 -0.88 4.03 -30.91
C PRO A 186 -2.40 4.12 -31.13
N VAL A 187 -3.14 3.19 -30.57
CA VAL A 187 -4.59 3.17 -30.71
C VAL A 187 -5.25 3.93 -29.56
N CYS A 188 -4.48 4.12 -28.48
CA CYS A 188 -4.99 4.78 -27.29
C CYS A 188 -3.89 5.49 -26.52
N ASN A 189 -4.32 6.25 -25.52
CA ASN A 189 -3.41 6.91 -24.63
C ASN A 189 -4.16 6.77 -23.32
N GLN A 190 -3.75 5.82 -22.48
CA GLN A 190 -4.39 5.60 -21.19
C GLN A 190 -3.87 6.62 -20.18
N VAL A 191 -4.75 7.57 -19.81
CA VAL A 191 -4.39 8.60 -18.87
C VAL A 191 -5.46 8.77 -17.81
N GLU A 192 -5.08 9.39 -16.70
CA GLU A 192 -6.00 9.66 -15.62
C GLU A 192 -6.94 10.72 -16.13
N CYS A 193 -8.24 10.49 -15.96
CA CYS A 193 -9.21 11.43 -16.46
C CYS A 193 -10.47 11.27 -15.64
N HIS A 194 -11.03 12.38 -15.19
CA HIS A 194 -12.23 12.37 -14.37
C HIS A 194 -12.83 13.77 -14.32
N LEU A 195 -13.88 13.95 -13.52
CA LEU A 195 -14.53 15.25 -13.46
C LEU A 195 -13.62 16.40 -13.07
N TYR A 196 -12.63 16.16 -12.21
CA TYR A 196 -11.69 17.21 -11.78
C TYR A 196 -10.43 17.36 -12.64
N LEU A 197 -10.17 16.37 -13.50
CA LEU A 197 -9.03 16.38 -14.41
C LEU A 197 -9.61 15.79 -15.68
N ASN A 198 -10.35 16.59 -16.45
CA ASN A 198 -10.99 16.07 -17.65
C ASN A 198 -10.19 15.91 -18.94
N GLN A 199 -9.00 16.48 -19.02
CA GLN A 199 -8.17 16.31 -20.21
C GLN A 199 -8.75 16.72 -21.58
N SER A 200 -9.47 17.83 -21.65
CA SER A 200 -10.05 18.28 -22.92
C SER A 200 -9.02 18.45 -24.03
N LYS A 201 -7.88 19.04 -23.71
CA LYS A 201 -6.83 19.26 -24.68
C LYS A 201 -6.41 17.92 -25.26
N MET A 202 -6.05 17.01 -24.36
CA MET A 202 -5.63 15.66 -24.70
C MET A 202 -6.74 14.93 -25.49
N LEU A 203 -7.98 15.07 -25.03
CA LEU A 203 -9.10 14.41 -25.70
C LEU A 203 -9.25 14.93 -27.12
N ASP A 204 -9.29 16.24 -27.30
CA ASP A 204 -9.43 16.82 -28.64
C ASP A 204 -8.30 16.44 -29.56
N TYR A 205 -7.08 16.42 -29.03
CA TYR A 205 -5.92 16.04 -29.80
C TYR A 205 -6.12 14.61 -30.30
N CYS A 206 -6.47 13.73 -29.38
CA CYS A 206 -6.69 12.33 -29.70
C CYS A 206 -7.75 12.15 -30.78
N LYS A 207 -8.89 12.82 -30.63
CA LYS A 207 -9.96 12.73 -31.62
C LYS A 207 -9.46 13.08 -33.01
N SER A 208 -8.57 14.06 -33.12
CA SER A 208 -8.07 14.45 -34.44
C SER A 208 -7.05 13.45 -34.94
N LYS A 209 -6.27 12.89 -34.03
CA LYS A 209 -5.28 11.90 -34.41
C LYS A 209 -5.94 10.55 -34.54
N ASP A 210 -7.21 10.50 -34.18
CA ASP A 210 -7.98 9.27 -34.28
C ASP A 210 -7.48 8.23 -33.28
N ILE A 211 -7.15 8.70 -32.07
CA ILE A 211 -6.64 7.90 -30.97
C ILE A 211 -7.66 7.94 -29.82
N ILE A 212 -7.95 6.81 -29.20
CA ILE A 212 -8.90 6.84 -28.10
C ILE A 212 -8.22 7.11 -26.79
N LEU A 213 -8.93 7.83 -25.94
CA LEU A 213 -8.45 8.17 -24.64
C LEU A 213 -9.14 7.25 -23.65
N VAL A 214 -8.34 6.44 -22.97
CA VAL A 214 -8.85 5.50 -21.97
C VAL A 214 -8.60 6.14 -20.61
N SER A 215 -9.65 6.28 -19.82
CA SER A 215 -9.50 6.90 -18.52
C SER A 215 -9.35 5.96 -17.33
N TYR A 216 -8.54 6.38 -16.35
CA TYR A 216 -8.39 5.66 -15.10
C TYR A 216 -8.61 6.71 -14.01
N CYS A 217 -8.91 6.27 -12.79
CA CYS A 217 -9.24 7.17 -11.67
C CYS A 217 -10.53 7.92 -12.04
N THR A 218 -11.33 7.29 -12.89
CA THR A 218 -12.62 7.80 -13.38
C THR A 218 -13.55 8.29 -12.27
N LEU A 219 -13.70 7.47 -11.24
CA LEU A 219 -14.58 7.81 -10.14
C LEU A 219 -13.82 8.43 -8.95
N GLY A 220 -12.65 8.97 -9.23
CA GLY A 220 -11.87 9.58 -8.17
C GLY A 220 -11.00 8.60 -7.41
N SER A 221 -11.00 7.35 -7.85
CA SER A 221 -10.15 6.37 -7.19
C SER A 221 -10.51 6.20 -5.71
N LYS A 225 -4.71 5.20 4.04
CA LYS A 225 -4.77 5.75 5.39
C LYS A 225 -3.39 6.26 5.74
N THR A 226 -3.26 7.58 5.83
CA THR A 226 -1.97 8.20 6.15
C THR A 226 -2.20 9.56 6.82
N TRP A 227 -1.16 10.07 7.47
CA TRP A 227 -1.23 11.34 8.18
C TRP A 227 -0.94 12.55 7.33
N VAL A 228 -0.65 12.38 6.03
CA VAL A 228 -0.32 13.57 5.24
C VAL A 228 -0.44 13.46 3.73
N ASP A 229 -1.08 14.47 3.13
CA ASP A 229 -1.27 14.55 1.66
C ASP A 229 -2.17 15.76 1.30
N GLN A 230 -2.91 16.23 2.29
CA GLN A 230 -3.81 17.36 2.20
C GLN A 230 -4.29 17.85 0.83
N LYS A 231 -5.48 17.38 0.42
CA LYS A 231 -6.11 17.74 -0.86
C LYS A 231 -7.27 16.73 -1.18
N SER A 232 -6.91 15.59 -1.76
CA SER A 232 -7.84 14.54 -2.15
C SER A 232 -9.30 14.77 -1.90
N PRO A 233 -9.90 15.78 -2.56
CA PRO A 233 -11.34 15.87 -2.25
C PRO A 233 -11.97 14.59 -2.83
N VAL A 234 -12.90 13.98 -2.10
CA VAL A 234 -13.60 12.77 -2.53
C VAL A 234 -14.55 13.17 -3.67
N LEU A 235 -14.14 12.89 -4.92
CA LEU A 235 -14.94 13.22 -6.10
C LEU A 235 -16.43 12.82 -6.06
N LEU A 236 -16.73 11.66 -5.48
CA LEU A 236 -18.11 11.21 -5.43
C LEU A 236 -18.98 11.96 -4.40
N ASP A 237 -18.35 12.80 -3.59
CA ASP A 237 -19.09 13.59 -2.59
C ASP A 237 -19.42 14.98 -3.13
N ASP A 238 -18.92 15.28 -4.32
CA ASP A 238 -19.14 16.59 -4.93
C ASP A 238 -20.62 16.92 -5.00
N PRO A 239 -21.03 18.08 -4.46
CA PRO A 239 -22.43 18.54 -4.45
C PRO A 239 -23.01 18.67 -5.84
N VAL A 240 -22.28 19.25 -6.79
CA VAL A 240 -22.86 19.35 -8.12
C VAL A 240 -23.18 17.95 -8.65
N LEU A 241 -22.23 17.03 -8.49
CA LEU A 241 -22.42 15.66 -8.95
C LEU A 241 -23.64 15.08 -8.27
N CYS A 242 -23.65 15.10 -6.94
CA CYS A 242 -24.77 14.57 -6.20
C CYS A 242 -26.09 15.24 -6.59
N ALA A 243 -26.02 16.50 -7.00
CA ALA A 243 -27.21 17.22 -7.44
C ALA A 243 -27.73 16.49 -8.68
N ILE A 244 -26.91 16.50 -9.74
CA ILE A 244 -27.28 15.87 -11.01
C ILE A 244 -27.58 14.36 -10.90
N ALA A 245 -26.98 13.67 -9.94
CA ALA A 245 -27.30 12.25 -9.79
C ALA A 245 -28.74 12.23 -9.30
N LYS A 246 -28.98 12.96 -8.22
CA LYS A 246 -30.30 13.05 -7.59
C LYS A 246 -31.40 13.40 -8.60
N LYS A 247 -31.06 14.24 -9.57
CA LYS A 247 -32.03 14.63 -10.57
C LYS A 247 -32.34 13.49 -11.52
N TYR A 248 -31.36 12.71 -11.90
CA TYR A 248 -31.64 11.61 -12.83
C TYR A 248 -32.02 10.34 -12.07
N LYS A 249 -32.09 10.43 -10.75
CA LYS A 249 -32.42 9.27 -9.91
C LYS A 249 -31.39 8.17 -10.19
N GLN A 250 -30.12 8.57 -10.23
CA GLN A 250 -28.98 7.71 -10.50
C GLN A 250 -28.04 7.85 -9.30
N THR A 251 -26.84 7.30 -9.37
CA THR A 251 -25.88 7.45 -8.27
C THR A 251 -24.79 8.38 -8.77
N PRO A 252 -24.04 9.03 -7.85
CA PRO A 252 -22.96 9.94 -8.28
C PRO A 252 -21.99 9.22 -9.23
N ALA A 253 -21.64 7.98 -8.88
CA ALA A 253 -20.73 7.16 -9.67
C ALA A 253 -21.20 6.87 -11.11
N LEU A 254 -22.50 6.70 -11.33
CA LEU A 254 -22.99 6.43 -12.69
C LEU A 254 -23.00 7.66 -13.58
N VAL A 255 -23.31 8.81 -13.00
CA VAL A 255 -23.31 10.06 -13.75
C VAL A 255 -21.87 10.42 -14.10
N ALA A 256 -20.95 10.16 -13.17
CA ALA A 256 -19.52 10.41 -13.35
C ALA A 256 -18.99 9.55 -14.50
N LEU A 257 -19.47 8.31 -14.55
CA LEU A 257 -19.10 7.36 -15.59
C LEU A 257 -19.78 7.70 -16.92
N ARG A 258 -21.08 8.05 -16.86
CA ARG A 258 -21.84 8.40 -18.06
C ARG A 258 -21.24 9.60 -18.78
N TYR A 259 -20.73 10.54 -17.99
CA TYR A 259 -20.09 11.75 -18.48
C TYR A 259 -18.89 11.39 -19.38
N GLN A 260 -18.06 10.45 -18.93
CA GLN A 260 -16.90 10.02 -19.72
C GLN A 260 -17.35 9.38 -21.01
N LEU A 261 -18.36 8.51 -20.91
CA LEU A 261 -18.89 7.83 -22.10
C LEU A 261 -19.44 8.81 -23.11
N GLN A 262 -20.30 9.73 -22.69
CA GLN A 262 -20.86 10.71 -23.63
C GLN A 262 -19.83 11.60 -24.34
N ARG A 263 -18.70 11.86 -23.72
CA ARG A 263 -17.67 12.69 -24.36
C ARG A 263 -16.64 11.92 -25.20
N GLY A 264 -16.87 10.62 -25.39
CA GLY A 264 -15.96 9.83 -26.22
C GLY A 264 -14.78 9.12 -25.58
N VAL A 265 -14.88 8.89 -24.30
CA VAL A 265 -13.82 8.22 -23.55
C VAL A 265 -14.24 6.79 -23.23
N VAL A 266 -13.27 5.89 -23.24
CA VAL A 266 -13.51 4.49 -22.89
C VAL A 266 -13.07 4.42 -21.42
N PRO A 267 -14.03 4.41 -20.49
CA PRO A 267 -13.67 4.35 -19.07
C PRO A 267 -13.17 3.01 -18.54
N LEU A 268 -12.36 3.11 -17.52
CA LEU A 268 -11.83 1.97 -16.81
C LEU A 268 -12.48 2.16 -15.43
N ILE A 269 -12.99 1.08 -14.86
CA ILE A 269 -13.61 1.13 -13.54
C ILE A 269 -13.06 -0.06 -12.80
N ARG A 270 -13.35 -0.15 -11.51
CA ARG A 270 -12.90 -1.29 -10.72
C ARG A 270 -13.65 -1.41 -9.41
N SER A 271 -14.28 -2.56 -9.21
CA SER A 271 -15.00 -2.82 -8.00
C SER A 271 -14.86 -4.29 -7.72
N PHE A 272 -14.64 -4.63 -6.46
CA PHE A 272 -14.52 -6.00 -6.04
C PHE A 272 -15.78 -6.35 -5.26
N ASN A 273 -16.76 -5.46 -5.35
CA ASN A 273 -18.04 -5.61 -4.67
C ASN A 273 -19.08 -5.99 -5.71
N ALA A 274 -19.69 -7.16 -5.55
CA ALA A 274 -20.67 -7.65 -6.52
C ALA A 274 -21.87 -6.75 -6.76
N LYS A 275 -22.22 -5.92 -5.79
CA LYS A 275 -23.36 -5.04 -5.99
C LYS A 275 -22.96 -3.80 -6.79
N ARG A 276 -21.74 -3.31 -6.56
CA ARG A 276 -21.27 -2.16 -7.30
C ARG A 276 -20.88 -2.51 -8.74
N ILE A 277 -20.49 -3.77 -8.95
CA ILE A 277 -20.13 -4.26 -10.28
C ILE A 277 -21.42 -4.29 -11.13
N LYS A 278 -22.52 -4.75 -10.54
CA LYS A 278 -23.80 -4.82 -11.24
C LYS A 278 -24.39 -3.43 -11.43
N GLU A 279 -24.09 -2.53 -10.49
CA GLU A 279 -24.57 -1.14 -10.53
C GLU A 279 -24.07 -0.52 -11.84
N LEU A 280 -22.78 -0.63 -12.08
CA LEU A 280 -22.11 -0.07 -13.26
C LEU A 280 -22.62 -0.49 -14.65
N THR A 281 -23.24 -1.66 -14.74
CA THR A 281 -23.76 -2.15 -16.02
C THR A 281 -24.99 -1.36 -16.46
N GLN A 282 -25.53 -0.52 -15.59
CA GLN A 282 -26.72 0.24 -15.95
C GLN A 282 -26.37 1.63 -16.46
N VAL A 283 -25.09 1.88 -16.68
CA VAL A 283 -24.62 3.17 -17.13
C VAL A 283 -25.26 3.73 -18.41
N PHE A 284 -25.69 2.86 -19.32
CA PHE A 284 -26.31 3.34 -20.55
C PHE A 284 -27.82 3.53 -20.44
N GLU A 285 -28.35 3.34 -19.24
CA GLU A 285 -29.78 3.47 -19.06
C GLU A 285 -30.35 4.87 -18.99
N PHE A 286 -29.49 5.87 -19.12
CA PHE A 286 -29.93 7.24 -19.12
C PHE A 286 -28.98 8.05 -19.96
N GLN A 287 -29.21 9.36 -19.99
CA GLN A 287 -28.38 10.27 -20.75
C GLN A 287 -28.25 11.58 -19.99
N LEU A 288 -27.13 12.26 -20.21
CA LEU A 288 -26.90 13.53 -19.57
C LEU A 288 -27.27 14.56 -20.60
N ALA A 289 -28.22 15.41 -20.25
CA ALA A 289 -28.65 16.48 -21.11
C ALA A 289 -27.48 17.48 -21.11
N SER A 290 -27.24 18.10 -22.26
CA SER A 290 -26.15 19.05 -22.39
C SER A 290 -26.00 20.05 -21.24
N GLU A 291 -27.09 20.64 -20.75
CA GLU A 291 -26.95 21.59 -19.65
C GLU A 291 -26.20 20.91 -18.55
N ASP A 292 -26.54 19.65 -18.30
CA ASP A 292 -25.85 18.91 -17.25
C ASP A 292 -24.42 18.57 -17.65
N MET A 293 -24.19 18.35 -18.94
CA MET A 293 -22.85 18.02 -19.41
C MET A 293 -21.92 19.20 -19.15
N LYS A 294 -22.36 20.39 -19.55
CA LYS A 294 -21.59 21.63 -19.35
C LYS A 294 -21.38 21.85 -17.85
N ALA A 295 -22.41 21.54 -17.07
CA ALA A 295 -22.32 21.69 -15.64
C ALA A 295 -21.19 20.83 -15.10
N LEU A 296 -21.10 19.61 -15.61
CA LEU A 296 -20.07 18.67 -15.19
C LEU A 296 -18.71 19.12 -15.69
N ASP A 297 -18.67 19.62 -16.92
CA ASP A 297 -17.42 20.11 -17.48
C ASP A 297 -16.90 21.22 -16.58
N GLY A 298 -17.82 21.93 -15.93
CA GLY A 298 -17.41 23.00 -15.05
C GLY A 298 -16.60 22.55 -13.85
N LEU A 299 -16.72 21.30 -13.43
CA LEU A 299 -15.98 20.83 -12.25
C LEU A 299 -14.46 20.75 -12.44
N ASN A 300 -14.03 20.71 -13.69
CA ASN A 300 -12.62 20.58 -13.97
C ASN A 300 -11.73 21.52 -13.20
N ARG A 301 -11.16 21.06 -12.09
CA ARG A 301 -10.28 21.93 -11.31
C ARG A 301 -8.80 21.54 -11.49
N ASN A 302 -8.55 20.69 -12.49
CA ASN A 302 -7.21 20.23 -12.84
C ASN A 302 -6.42 19.48 -11.80
N PHE A 303 -7.11 18.89 -10.84
CA PHE A 303 -6.49 18.13 -9.75
C PHE A 303 -6.11 16.68 -10.13
N ARG A 304 -4.86 16.34 -9.89
CA ARG A 304 -4.36 15.01 -10.19
C ARG A 304 -4.18 14.22 -8.91
N TYR A 305 -4.72 13.01 -8.88
CA TYR A 305 -4.56 12.17 -7.71
C TYR A 305 -3.18 11.53 -7.73
N ASN A 306 -2.64 11.33 -8.93
CA ASN A 306 -1.31 10.74 -9.12
C ASN A 306 -0.92 9.79 -8.00
N ASN A 307 -1.74 8.77 -7.78
CA ASN A 307 -1.46 7.82 -6.72
C ASN A 307 -0.07 7.23 -6.90
N ALA A 308 0.38 7.14 -8.16
CA ALA A 308 1.72 6.59 -8.45
C ALA A 308 2.86 7.62 -8.32
N LYS A 309 2.54 8.80 -7.80
CA LYS A 309 3.53 9.86 -7.62
C LYS A 309 4.46 10.00 -8.82
N TYR A 310 3.97 9.65 -10.00
CA TYR A 310 4.79 9.73 -11.20
C TYR A 310 4.88 11.16 -11.71
N PHE A 311 3.74 11.78 -11.95
CA PHE A 311 3.75 13.15 -12.44
C PHE A 311 4.07 14.02 -11.23
N MET B 1 13.61 -20.19 19.60
CA MET B 1 12.88 -20.79 20.76
C MET B 1 13.86 -20.89 21.91
N ASP B 2 13.56 -20.26 23.04
CA ASP B 2 14.39 -20.25 24.27
C ASP B 2 14.89 -18.87 24.69
N SER B 3 15.90 -18.31 24.04
CA SER B 3 16.42 -17.02 24.49
C SER B 3 15.70 -15.75 24.04
N ILE B 4 15.09 -15.75 22.88
CA ILE B 4 14.37 -14.58 22.39
C ILE B 4 13.04 -14.35 23.09
N SER B 5 12.71 -15.23 24.04
CA SER B 5 11.48 -15.06 24.78
C SER B 5 11.82 -14.76 26.23
N LEU B 6 13.10 -14.51 26.51
CA LEU B 6 13.55 -14.18 27.86
C LEU B 6 13.24 -12.71 28.01
N ARG B 7 12.92 -12.31 29.24
CA ARG B 7 12.48 -10.96 29.53
C ARG B 7 13.41 -9.91 30.13
N VAL B 8 13.08 -8.65 29.85
CA VAL B 8 13.81 -7.49 30.33
C VAL B 8 12.81 -6.70 31.22
N ALA B 9 13.30 -6.00 32.24
CA ALA B 9 12.41 -5.25 33.14
C ALA B 9 11.78 -3.99 32.62
N LEU B 10 10.57 -3.73 33.13
CA LEU B 10 9.76 -2.55 32.82
C LEU B 10 9.74 -1.78 34.13
N ASN B 11 9.63 -0.46 34.09
CA ASN B 11 9.67 0.34 35.33
C ASN B 11 8.48 0.23 36.23
N ASP B 12 7.58 -0.68 35.96
CA ASP B 12 6.41 -0.82 36.81
C ASP B 12 6.35 -2.17 37.48
N GLY B 13 7.43 -2.93 37.37
CA GLY B 13 7.47 -4.24 37.98
C GLY B 13 7.24 -5.37 37.00
N ASN B 14 6.77 -5.07 35.78
CA ASN B 14 6.53 -6.11 34.78
C ASN B 14 7.77 -6.34 33.92
N PHE B 15 7.77 -7.41 33.13
CA PHE B 15 8.91 -7.74 32.27
C PHE B 15 8.39 -7.99 30.87
N ILE B 16 9.19 -7.64 29.87
CA ILE B 16 8.78 -7.77 28.49
C ILE B 16 9.75 -8.66 27.72
N PRO B 17 9.22 -9.61 26.90
CA PRO B 17 10.08 -10.50 26.11
C PRO B 17 10.99 -9.59 25.28
N VAL B 18 12.25 -9.99 25.16
CA VAL B 18 13.25 -9.18 24.48
C VAL B 18 13.16 -8.93 22.95
N LEU B 19 12.39 -9.75 22.26
CA LEU B 19 12.25 -9.60 20.83
C LEU B 19 10.76 -9.66 20.55
N GLY B 20 10.27 -8.64 19.85
CA GLY B 20 8.87 -8.54 19.52
C GLY B 20 8.59 -8.89 18.08
N PHE B 21 7.34 -9.23 17.82
CA PHE B 21 6.92 -9.62 16.51
C PHE B 21 5.77 -8.70 16.09
N GLY B 22 5.95 -7.98 14.99
CA GLY B 22 4.93 -7.08 14.50
C GLY B 22 3.83 -7.81 13.73
N THR B 23 2.62 -7.25 13.77
CA THR B 23 1.47 -7.85 13.11
C THR B 23 0.83 -6.83 12.16
N THR B 24 1.36 -6.74 10.94
CA THR B 24 0.89 -5.80 9.93
C THR B 24 1.02 -6.55 8.62
N VAL B 25 -0.12 -6.82 8.01
CA VAL B 25 -0.18 -7.63 6.79
C VAL B 25 0.92 -7.66 5.73
N PRO B 26 0.96 -6.66 4.84
CA PRO B 26 2.02 -6.76 3.82
C PRO B 26 3.40 -6.67 4.43
N ALA B 30 -3.08 -10.52 2.83
CA ALA B 30 -4.31 -11.14 3.32
C ALA B 30 -4.30 -11.31 4.86
N LYS B 31 -5.28 -10.72 5.55
CA LYS B 31 -5.36 -10.85 7.01
C LYS B 31 -5.13 -12.30 7.40
N ASP B 32 -5.70 -13.20 6.61
CA ASP B 32 -5.59 -14.64 6.82
C ASP B 32 -4.13 -15.11 7.02
N GLU B 33 -3.17 -14.42 6.43
CA GLU B 33 -1.77 -14.82 6.59
C GLU B 33 -1.19 -14.39 7.92
N VAL B 34 -1.83 -13.43 8.58
CA VAL B 34 -1.36 -12.94 9.86
C VAL B 34 -1.46 -14.07 10.87
N ILE B 35 -2.62 -14.69 10.94
CA ILE B 35 -2.80 -15.79 11.87
C ILE B 35 -1.80 -16.92 11.65
N LYS B 36 -1.48 -17.25 10.40
CA LYS B 36 -0.52 -18.31 10.17
C LYS B 36 0.90 -17.91 10.52
N ALA B 37 1.22 -16.62 10.38
CA ALA B 37 2.57 -16.17 10.70
C ALA B 37 2.73 -16.12 12.21
N THR B 38 1.71 -15.64 12.92
CA THR B 38 1.76 -15.58 14.37
C THR B 38 1.98 -16.97 14.96
N LYS B 39 1.29 -17.97 14.41
CA LYS B 39 1.41 -19.35 14.86
C LYS B 39 2.80 -19.91 14.63
N ILE B 40 3.36 -19.66 13.45
CA ILE B 40 4.70 -20.12 13.14
C ILE B 40 5.67 -19.40 14.05
N ALA B 41 5.42 -18.10 14.30
CA ALA B 41 6.27 -17.30 15.17
C ALA B 41 6.27 -17.86 16.60
N ILE B 42 5.08 -18.12 17.16
CA ILE B 42 4.94 -18.67 18.50
C ILE B 42 5.65 -20.02 18.66
N ASP B 43 5.50 -20.89 17.67
CA ASP B 43 6.17 -22.19 17.70
C ASP B 43 7.66 -22.03 17.70
N ASN B 44 8.15 -20.90 17.21
CA ASN B 44 9.58 -20.67 17.16
C ASN B 44 10.17 -19.92 18.34
N GLY B 45 9.35 -19.62 19.33
CA GLY B 45 9.87 -18.96 20.51
C GLY B 45 9.42 -17.54 20.75
N PHE B 46 8.66 -16.94 19.82
CA PHE B 46 8.21 -15.56 19.99
C PHE B 46 7.09 -15.45 21.00
N ARG B 47 7.25 -14.54 21.94
CA ARG B 47 6.28 -14.34 23.00
C ARG B 47 5.84 -12.90 23.15
N HIS B 48 6.24 -12.07 22.22
CA HIS B 48 5.94 -10.64 22.28
C HIS B 48 5.34 -10.29 20.95
N PHE B 49 4.04 -10.02 20.95
CA PHE B 49 3.32 -9.67 19.74
C PHE B 49 2.86 -8.25 19.82
N ASP B 50 3.10 -7.53 18.74
CA ASP B 50 2.76 -6.12 18.70
C ASP B 50 1.73 -5.87 17.62
N SER B 51 0.57 -5.35 18.03
CA SER B 51 -0.51 -5.04 17.10
C SER B 51 -1.08 -3.68 17.45
N ALA B 52 -2.21 -3.34 16.84
CA ALA B 52 -2.86 -2.05 17.08
C ALA B 52 -4.26 -1.99 16.48
N TYR B 53 -5.08 -1.11 17.05
CA TYR B 53 -6.44 -0.86 16.58
C TYR B 53 -6.38 -0.60 15.08
N LEU B 54 -5.51 0.33 14.70
CA LEU B 54 -5.30 0.74 13.32
C LEU B 54 -5.06 -0.40 12.34
N TYR B 55 -4.25 -1.37 12.74
CA TYR B 55 -3.89 -2.51 11.88
C TYR B 55 -5.05 -3.33 11.34
N GLU B 56 -6.17 -3.33 12.05
CA GLU B 56 -7.35 -4.07 11.65
C GLU B 56 -7.06 -5.55 11.56
N VAL B 57 -6.23 -6.06 12.45
CA VAL B 57 -5.87 -7.47 12.43
C VAL B 57 -5.80 -8.07 13.82
N GLU B 58 -6.31 -7.37 14.82
CA GLU B 58 -6.27 -7.90 16.18
C GLU B 58 -7.11 -9.17 16.35
N GLU B 59 -8.21 -9.25 15.61
CA GLU B 59 -9.06 -10.42 15.63
C GLU B 59 -8.20 -11.58 15.13
N GLU B 60 -7.62 -11.41 13.95
CA GLU B 60 -6.76 -12.45 13.39
C GLU B 60 -5.62 -12.83 14.33
N VAL B 61 -5.06 -11.87 15.05
CA VAL B 61 -3.95 -12.17 15.97
C VAL B 61 -4.47 -12.93 17.20
N GLY B 62 -5.67 -12.61 17.64
CA GLY B 62 -6.21 -13.30 18.79
C GLY B 62 -6.45 -14.77 18.49
N GLN B 63 -6.99 -15.07 17.31
CA GLN B 63 -7.28 -16.45 16.95
C GLN B 63 -6.00 -17.26 16.94
N ALA B 64 -4.95 -16.67 16.39
CA ALA B 64 -3.63 -17.31 16.31
C ALA B 64 -3.07 -17.58 17.71
N ILE B 65 -3.17 -16.58 18.59
CA ILE B 65 -2.67 -16.72 19.95
C ILE B 65 -3.45 -17.81 20.70
N ARG B 66 -4.78 -17.67 20.69
CA ARG B 66 -5.65 -18.64 21.36
C ARG B 66 -5.61 -20.07 20.79
N SER B 67 -5.22 -20.22 19.53
CA SER B 67 -5.07 -21.55 18.96
C SER B 67 -3.93 -22.24 19.70
N LYS B 68 -2.87 -21.47 20.00
CA LYS B 68 -1.71 -22.02 20.69
C LYS B 68 -1.93 -22.18 22.20
N ILE B 69 -2.90 -21.47 22.76
CA ILE B 69 -3.22 -21.63 24.18
C ILE B 69 -3.96 -22.98 24.23
N GLU B 70 -4.96 -23.10 23.35
CA GLU B 70 -5.75 -24.33 23.25
C GLU B 70 -4.91 -25.56 23.03
N ASP B 71 -3.96 -25.51 22.10
CA ASP B 71 -3.13 -26.68 21.88
C ASP B 71 -2.06 -26.84 22.95
N GLY B 72 -2.14 -26.02 23.99
CA GLY B 72 -1.22 -26.08 25.11
C GLY B 72 0.23 -25.74 24.85
N THR B 73 0.53 -25.13 23.71
CA THR B 73 1.89 -24.73 23.40
C THR B 73 2.32 -23.59 24.31
N VAL B 74 1.36 -22.74 24.63
CA VAL B 74 1.60 -21.56 25.42
C VAL B 74 0.38 -21.24 26.32
N LYS B 75 0.61 -20.49 27.39
CA LYS B 75 -0.47 -20.08 28.28
C LYS B 75 -0.61 -18.58 28.07
N ARG B 76 -1.74 -18.00 28.48
CA ARG B 76 -1.99 -16.56 28.36
C ARG B 76 -0.84 -15.76 28.97
N GLU B 77 -0.43 -16.18 30.17
CA GLU B 77 0.65 -15.51 30.89
C GLU B 77 2.00 -15.58 30.22
N ASP B 78 2.14 -16.40 29.19
CA ASP B 78 3.41 -16.55 28.48
C ASP B 78 3.50 -15.56 27.34
N ILE B 79 2.36 -15.00 26.99
CA ILE B 79 2.25 -14.10 25.88
C ILE B 79 2.21 -12.66 26.35
N PHE B 80 2.96 -11.82 25.65
CA PHE B 80 2.97 -10.41 25.95
C PHE B 80 2.35 -9.80 24.71
N TYR B 81 1.18 -9.20 24.88
CA TYR B 81 0.47 -8.60 23.77
C TYR B 81 0.37 -7.10 23.92
N THR B 82 0.81 -6.39 22.89
CA THR B 82 0.78 -4.93 22.88
C THR B 82 -0.25 -4.40 21.89
N SER B 83 -0.99 -3.39 22.31
CA SER B 83 -1.95 -2.74 21.42
C SER B 83 -1.75 -1.22 21.57
N LYS B 84 -2.29 -0.45 20.63
CA LYS B 84 -2.12 0.99 20.69
C LYS B 84 -3.43 1.75 20.52
N LEU B 85 -3.58 2.82 21.31
CA LEU B 85 -4.74 3.72 21.30
C LEU B 85 -4.72 4.50 19.99
N TRP B 86 -5.81 4.52 19.22
CA TRP B 86 -5.82 5.29 17.98
C TRP B 86 -6.18 6.74 18.26
N SER B 87 -5.71 7.64 17.41
CA SER B 87 -5.91 9.08 17.54
C SER B 87 -7.31 9.63 17.70
N THR B 88 -8.28 9.00 17.05
CA THR B 88 -9.66 9.47 17.15
C THR B 88 -10.19 9.20 18.57
N PHE B 89 -9.49 8.36 19.33
CA PHE B 89 -9.89 8.03 20.69
C PHE B 89 -9.04 8.69 21.77
N HIS B 90 -8.51 9.86 21.48
CA HIS B 90 -7.68 10.57 22.45
C HIS B 90 -8.42 11.27 23.59
N ARG B 91 -9.70 11.59 23.39
CA ARG B 91 -10.48 12.24 24.45
C ARG B 91 -10.50 11.32 25.65
N PRO B 92 -10.34 11.88 26.85
CA PRO B 92 -10.34 11.07 28.07
C PRO B 92 -11.47 10.05 28.14
N GLU B 93 -12.66 10.43 27.68
CA GLU B 93 -13.82 9.53 27.71
C GLU B 93 -13.76 8.37 26.72
N LEU B 94 -13.19 8.59 25.55
CA LEU B 94 -13.12 7.57 24.52
C LEU B 94 -11.92 6.63 24.60
N VAL B 95 -11.01 6.87 25.53
CA VAL B 95 -9.81 6.05 25.66
C VAL B 95 -10.12 4.59 25.92
N ARG B 96 -10.95 4.35 26.93
CA ARG B 96 -11.30 2.99 27.31
C ARG B 96 -12.22 2.33 26.30
N THR B 97 -12.95 3.15 25.55
CA THR B 97 -13.84 2.62 24.54
C THR B 97 -12.90 1.90 23.62
N CYS B 98 -11.86 2.60 23.19
CA CYS B 98 -10.88 2.04 22.28
C CYS B 98 -10.31 0.72 22.77
N LEU B 99 -9.82 0.70 24.01
CA LEU B 99 -9.22 -0.49 24.60
C LEU B 99 -10.23 -1.63 24.66
N GLU B 100 -11.46 -1.31 25.04
CA GLU B 100 -12.51 -2.33 25.11
C GLU B 100 -12.81 -2.96 23.75
N LYS B 101 -12.68 -2.18 22.68
CA LYS B 101 -12.88 -2.75 21.36
C LYS B 101 -11.77 -3.77 21.09
N THR B 102 -10.54 -3.44 21.47
CA THR B 102 -9.40 -4.34 21.30
C THR B 102 -9.62 -5.64 22.09
N LEU B 103 -10.01 -5.52 23.36
CA LEU B 103 -10.24 -6.70 24.20
C LEU B 103 -11.33 -7.60 23.63
N LYS B 104 -12.38 -6.97 23.09
CA LYS B 104 -13.48 -7.72 22.50
C LYS B 104 -12.98 -8.41 21.24
N SER B 105 -12.26 -7.67 20.41
CA SER B 105 -11.75 -8.24 19.18
C SER B 105 -10.76 -9.37 19.35
N THR B 106 -9.89 -9.28 20.35
CA THR B 106 -8.87 -10.33 20.56
C THR B 106 -9.33 -11.43 21.50
N GLN B 107 -10.35 -11.15 22.31
CA GLN B 107 -10.87 -12.11 23.26
C GLN B 107 -9.89 -12.40 24.39
N LEU B 108 -8.98 -11.46 24.63
CA LEU B 108 -8.03 -11.56 25.72
C LEU B 108 -8.71 -10.77 26.84
N ASP B 109 -8.42 -11.11 28.10
CA ASP B 109 -9.06 -10.38 29.19
C ASP B 109 -8.48 -9.00 29.36
N TYR B 110 -7.22 -8.85 28.97
CA TYR B 110 -6.51 -7.58 29.09
C TYR B 110 -5.38 -7.58 28.07
N VAL B 111 -4.67 -6.45 27.97
CA VAL B 111 -3.52 -6.30 27.09
C VAL B 111 -2.36 -6.09 28.05
N ASP B 112 -1.20 -6.60 27.70
CA ASP B 112 -0.03 -6.46 28.56
C ASP B 112 0.57 -5.07 28.50
N LEU B 113 0.41 -4.41 27.37
CA LEU B 113 0.94 -3.08 27.19
C LEU B 113 0.04 -2.26 26.28
N TYR B 114 -0.44 -1.14 26.78
CA TYR B 114 -1.27 -0.24 26.00
C TYR B 114 -0.49 1.05 25.83
N ILE B 115 -0.36 1.50 24.60
CA ILE B 115 0.41 2.69 24.33
C ILE B 115 -0.33 3.63 23.39
N ILE B 116 -0.12 4.94 23.56
CA ILE B 116 -0.71 5.96 22.68
C ILE B 116 0.10 5.89 21.37
N HIS B 117 -0.56 5.50 20.28
CA HIS B 117 0.09 5.35 18.98
C HIS B 117 0.81 6.59 18.45
N PHE B 118 0.17 7.75 18.59
CA PHE B 118 0.71 9.03 18.13
C PHE B 118 0.26 10.12 19.11
N PRO B 119 0.99 11.23 19.21
CA PRO B 119 0.58 12.28 20.14
C PRO B 119 -0.58 13.10 19.60
N MET B 120 -0.65 13.28 18.28
CA MET B 120 -1.74 14.05 17.67
C MET B 120 -3.09 13.41 17.83
N ALA B 121 -4.12 14.23 18.04
CA ALA B 121 -5.49 13.75 18.22
C ALA B 121 -6.32 14.10 16.99
N LEU B 122 -7.25 13.23 16.63
CA LEU B 122 -8.10 13.46 15.48
C LEU B 122 -9.51 13.37 16.01
N GLN B 123 -10.47 14.01 15.34
CA GLN B 123 -11.85 13.99 15.82
C GLN B 123 -12.45 12.60 15.88
N PRO B 124 -13.20 12.32 16.96
CA PRO B 124 -13.83 11.02 17.16
C PRO B 124 -14.82 10.71 16.06
N GLY B 125 -14.73 9.51 15.50
CA GLY B 125 -15.63 9.12 14.44
C GLY B 125 -15.53 7.63 14.15
N ASP B 126 -15.95 7.24 12.95
CA ASP B 126 -15.89 5.84 12.54
C ASP B 126 -14.88 5.75 11.41
N ILE B 127 -14.14 6.83 11.20
CA ILE B 127 -13.13 6.90 10.16
C ILE B 127 -11.77 6.94 10.86
N PHE B 128 -10.77 6.27 10.30
CA PHE B 128 -9.45 6.31 10.92
C PHE B 128 -8.85 7.72 10.73
N PHE B 129 -8.84 8.19 9.49
CA PHE B 129 -8.30 9.50 9.15
C PHE B 129 -9.36 10.41 8.51
N PRO B 130 -10.20 11.06 9.34
CA PRO B 130 -11.26 11.97 8.88
C PRO B 130 -10.72 13.25 8.23
N ARG B 131 -11.34 13.69 7.13
CA ARG B 131 -10.91 14.89 6.43
C ARG B 131 -12.04 15.84 6.01
N ASP B 132 -11.74 17.13 5.91
CA ASP B 132 -12.70 18.15 5.48
C ASP B 132 -13.25 17.83 4.07
N GLU B 133 -14.13 18.68 3.56
CA GLU B 133 -14.63 18.51 2.21
C GLU B 133 -13.50 18.89 1.26
N HIS B 134 -12.31 19.17 1.79
CA HIS B 134 -11.19 19.57 0.95
C HIS B 134 -9.97 18.63 1.08
N GLY B 135 -10.19 17.42 1.60
CA GLY B 135 -9.10 16.47 1.76
C GLY B 135 -8.03 16.84 2.78
N LYS B 136 -8.43 17.46 3.89
CA LYS B 136 -7.47 17.82 4.92
C LYS B 136 -7.87 17.25 6.29
N LEU B 137 -6.90 16.66 6.98
CA LEU B 137 -7.14 16.01 8.28
C LEU B 137 -7.81 16.86 9.34
N LEU B 138 -8.82 16.28 9.98
CA LEU B 138 -9.56 16.96 11.04
C LEU B 138 -8.82 16.74 12.35
N PHE B 139 -7.83 17.58 12.63
CA PHE B 139 -7.09 17.44 13.86
C PHE B 139 -7.97 17.98 14.95
N GLU B 140 -7.59 17.71 16.20
CA GLU B 140 -8.34 18.16 17.36
C GLU B 140 -7.37 18.32 18.50
N THR B 141 -7.55 19.35 19.32
CA THR B 141 -6.63 19.58 20.42
C THR B 141 -7.06 18.90 21.70
N VAL B 142 -6.29 17.92 22.14
CA VAL B 142 -6.57 17.22 23.38
C VAL B 142 -5.20 17.12 24.00
N ASP B 143 -5.06 17.62 25.21
CA ASP B 143 -3.77 17.60 25.91
C ASP B 143 -3.38 16.17 26.26
N ILE B 144 -2.20 15.75 25.78
CA ILE B 144 -1.70 14.40 26.03
C ILE B 144 -1.73 14.03 27.51
N CYS B 145 -1.59 15.02 28.39
CA CYS B 145 -1.64 14.73 29.81
C CYS B 145 -3.05 14.28 30.20
N ASP B 146 -4.06 14.72 29.44
CA ASP B 146 -5.42 14.30 29.68
C ASP B 146 -5.58 12.86 29.19
N THR B 147 -5.03 12.56 28.01
CA THR B 147 -5.10 11.21 27.49
C THR B 147 -4.33 10.29 28.41
N TRP B 148 -3.19 10.77 28.91
CA TRP B 148 -2.39 9.96 29.80
C TRP B 148 -3.17 9.57 31.05
N GLU B 149 -3.84 10.55 31.65
CA GLU B 149 -4.66 10.30 32.83
C GLU B 149 -5.68 9.23 32.52
N ALA B 150 -6.27 9.30 31.34
CA ALA B 150 -7.22 8.27 30.99
C ALA B 150 -6.51 6.89 30.92
N MET B 151 -5.27 6.87 30.42
CA MET B 151 -4.50 5.64 30.29
C MET B 151 -4.26 5.02 31.66
N GLU B 152 -3.85 5.85 32.60
CA GLU B 152 -3.57 5.39 33.95
C GLU B 152 -4.80 4.75 34.56
N LYS B 153 -5.98 5.26 34.19
CA LYS B 153 -7.24 4.71 34.69
C LYS B 153 -7.40 3.31 34.14
N CYS B 154 -6.95 3.09 32.90
CA CYS B 154 -7.02 1.77 32.27
C CYS B 154 -6.18 0.75 33.04
N LYS B 155 -4.97 1.16 33.41
CA LYS B 155 -4.08 0.29 34.17
C LYS B 155 -4.69 0.00 35.53
N ASP B 156 -5.25 1.02 36.18
CA ASP B 156 -5.89 0.84 37.47
C ASP B 156 -7.05 -0.15 37.37
N ALA B 157 -7.84 -0.03 36.31
CA ALA B 157 -8.96 -0.94 36.09
C ALA B 157 -8.45 -2.33 35.75
N GLY B 158 -7.14 -2.49 35.59
CA GLY B 158 -6.59 -3.78 35.27
C GLY B 158 -6.82 -4.22 33.85
N LEU B 159 -7.17 -3.31 32.96
CA LEU B 159 -7.40 -3.66 31.56
C LEU B 159 -6.10 -3.69 30.77
N ALA B 160 -5.11 -2.97 31.26
CA ALA B 160 -3.80 -2.91 30.62
C ALA B 160 -2.82 -3.13 31.74
N LYS B 161 -1.96 -4.14 31.63
CA LYS B 161 -0.98 -4.37 32.66
C LYS B 161 0.01 -3.20 32.72
N SER B 162 0.52 -2.79 31.58
CA SER B 162 1.45 -1.68 31.52
C SER B 162 0.94 -0.68 30.49
N ILE B 163 1.37 0.58 30.60
CA ILE B 163 1.01 1.64 29.66
C ILE B 163 2.28 2.38 29.20
N GLY B 164 2.29 2.81 27.96
CA GLY B 164 3.45 3.51 27.46
C GLY B 164 3.03 4.43 26.33
N VAL B 165 4.00 4.90 25.55
CA VAL B 165 3.71 5.78 24.43
C VAL B 165 4.48 5.34 23.20
N SER B 166 4.22 6.00 22.09
CA SER B 166 4.84 5.69 20.83
C SER B 166 4.94 6.99 20.03
N ASN B 167 6.07 7.17 19.35
CA ASN B 167 6.29 8.32 18.52
C ASN B 167 6.31 9.66 19.25
N PHE B 168 6.80 9.65 20.49
CA PHE B 168 6.91 10.86 21.29
C PHE B 168 8.33 11.38 21.22
N ASN B 169 8.45 12.69 21.00
CA ASN B 169 9.76 13.34 20.97
C ASN B 169 10.15 13.78 22.39
N CYS B 170 11.35 14.34 22.52
CA CYS B 170 11.83 14.75 23.84
C CYS B 170 10.90 15.68 24.63
N ARG B 171 10.35 16.71 24.01
CA ARG B 171 9.48 17.62 24.76
C ARG B 171 8.14 16.97 25.16
N GLN B 172 7.56 16.17 24.26
CA GLN B 172 6.30 15.47 24.52
C GLN B 172 6.51 14.43 25.63
N LEU B 173 7.66 13.79 25.61
CA LEU B 173 7.94 12.79 26.61
C LEU B 173 8.10 13.46 27.97
N GLU B 174 8.78 14.60 27.99
CA GLU B 174 9.00 15.33 29.24
C GLU B 174 7.73 15.84 29.84
N ARG B 175 6.81 16.23 28.98
CA ARG B 175 5.53 16.76 29.37
C ARG B 175 4.83 15.76 30.26
N ILE B 176 4.87 14.49 29.89
CA ILE B 176 4.24 13.45 30.69
C ILE B 176 5.02 13.30 31.99
N LEU B 177 6.32 13.11 31.89
CA LEU B 177 7.16 12.94 33.05
C LEU B 177 7.06 14.09 34.04
N ASN B 178 6.72 15.27 33.58
CA ASN B 178 6.63 16.41 34.48
C ASN B 178 5.22 16.85 34.81
N LYS B 179 4.26 16.10 34.30
CA LYS B 179 2.86 16.39 34.58
C LYS B 179 2.62 16.28 36.09
N PRO B 180 2.06 17.32 36.73
CA PRO B 180 1.83 17.24 38.17
C PRO B 180 0.81 16.12 38.47
N GLY B 181 1.11 15.32 39.50
CA GLY B 181 0.24 14.22 39.86
C GLY B 181 0.41 13.00 38.97
N LEU B 182 1.58 12.85 38.39
CA LEU B 182 1.84 11.70 37.55
C LEU B 182 1.65 10.48 38.45
N LYS B 183 0.85 9.51 38.00
CA LYS B 183 0.63 8.30 38.78
C LYS B 183 1.54 7.16 38.28
N TYR B 184 1.63 7.02 36.96
CA TYR B 184 2.43 5.98 36.34
C TYR B 184 3.13 6.60 35.16
N LYS B 185 4.43 6.39 35.07
CA LYS B 185 5.16 6.92 33.91
C LYS B 185 5.23 5.84 32.82
N PRO B 186 5.31 6.26 31.56
CA PRO B 186 5.38 5.30 30.46
C PRO B 186 6.53 4.32 30.66
N VAL B 187 6.34 3.08 30.24
CA VAL B 187 7.37 2.06 30.37
C VAL B 187 8.26 2.02 29.14
N CYS B 188 7.76 2.59 28.05
CA CYS B 188 8.48 2.57 26.78
C CYS B 188 8.12 3.78 25.93
N ASN B 189 8.87 3.91 24.83
CA ASN B 189 8.61 4.93 23.85
C ASN B 189 8.92 4.18 22.58
N GLN B 190 7.87 3.74 21.87
CA GLN B 190 8.07 3.00 20.63
C GLN B 190 8.32 3.98 19.49
N VAL B 191 9.56 3.98 18.99
CA VAL B 191 9.95 4.87 17.92
C VAL B 191 10.74 4.12 16.86
N GLU B 192 10.80 4.73 15.68
CA GLU B 192 11.53 4.16 14.57
C GLU B 192 12.99 4.28 14.95
N CYS B 193 13.73 3.20 14.80
CA CYS B 193 15.13 3.21 15.18
C CYS B 193 15.82 2.13 14.39
N HIS B 194 16.96 2.48 13.79
CA HIS B 194 17.73 1.54 13.00
C HIS B 194 19.12 2.09 12.76
N LEU B 195 19.93 1.40 11.95
CA LEU B 195 21.29 1.84 11.71
C LEU B 195 21.42 3.26 11.17
N TYR B 196 20.47 3.70 10.34
CA TYR B 196 20.51 5.06 9.79
C TYR B 196 19.81 6.14 10.62
N LEU B 197 19.01 5.72 11.60
CA LEU B 197 18.27 6.62 12.50
C LEU B 197 18.39 5.91 13.84
N ASN B 198 19.54 6.02 14.49
CA ASN B 198 19.75 5.32 15.75
C ASN B 198 19.19 5.90 17.06
N GLN B 199 18.75 7.14 17.05
CA GLN B 199 18.16 7.74 18.25
C GLN B 199 18.98 7.73 19.55
N SER B 200 20.27 8.01 19.48
CA SER B 200 21.12 8.04 20.68
C SER B 200 20.61 8.99 21.76
N LYS B 201 20.19 10.17 21.34
CA LYS B 201 19.69 11.17 22.29
C LYS B 201 18.51 10.58 23.04
N MET B 202 17.53 10.10 22.26
CA MET B 202 16.32 9.48 22.78
C MET B 202 16.65 8.27 23.66
N LEU B 203 17.60 7.45 23.20
CA LEU B 203 17.99 6.26 23.95
C LEU B 203 18.57 6.65 25.29
N ASP B 204 19.54 7.56 25.29
CA ASP B 204 20.17 8.00 26.53
C ASP B 204 19.19 8.60 27.50
N TYR B 205 18.27 9.40 26.97
CA TYR B 205 17.25 10.04 27.78
C TYR B 205 16.43 8.95 28.48
N CYS B 206 15.99 7.99 27.67
CA CYS B 206 15.19 6.89 28.18
C CYS B 206 15.92 6.11 29.27
N LYS B 207 17.18 5.77 29.04
CA LYS B 207 17.95 5.04 30.03
C LYS B 207 17.97 5.78 31.38
N SER B 208 18.04 7.10 31.35
CA SER B 208 18.09 7.85 32.60
C SER B 208 16.71 7.91 33.22
N LYS B 209 15.68 7.99 32.39
CA LYS B 209 14.32 8.04 32.91
C LYS B 209 13.85 6.64 33.21
N ASP B 210 14.68 5.66 32.87
CA ASP B 210 14.37 4.27 33.12
C ASP B 210 13.19 3.80 32.27
N ILE B 211 13.19 4.26 31.01
CA ILE B 211 12.16 3.95 30.02
C ILE B 211 12.80 3.15 28.89
N ILE B 212 12.16 2.09 28.41
CA ILE B 212 12.75 1.32 27.33
C ILE B 212 12.35 1.87 25.98
N LEU B 213 13.27 1.79 25.05
CA LEU B 213 13.05 2.26 23.71
C LEU B 213 12.81 1.02 22.87
N VAL B 214 11.61 0.96 22.29
CA VAL B 214 11.22 -0.15 21.43
C VAL B 214 11.37 0.33 20.00
N SER B 215 12.13 -0.38 19.19
CA SER B 215 12.34 0.04 17.82
C SER B 215 11.47 -0.63 16.76
N TYR B 216 11.11 0.15 15.74
CA TYR B 216 10.37 -0.38 14.59
C TYR B 216 11.17 0.11 13.37
N CYS B 217 10.96 -0.53 12.21
CA CYS B 217 11.72 -0.25 11.00
C CYS B 217 13.19 -0.59 11.27
N THR B 218 13.39 -1.53 12.19
CA THR B 218 14.70 -2.02 12.62
C THR B 218 15.61 -2.46 11.46
N LEU B 219 15.05 -3.23 10.54
CA LEU B 219 15.80 -3.72 9.39
C LEU B 219 15.60 -2.86 8.16
N GLY B 220 15.16 -1.62 8.35
CA GLY B 220 14.96 -0.75 7.21
C GLY B 220 13.59 -0.89 6.59
N SER B 221 12.74 -1.71 7.19
CA SER B 221 11.38 -1.87 6.67
C SER B 221 11.38 -2.40 5.23
N LYS B 225 9.35 1.89 -3.64
CA LYS B 225 8.12 1.80 -4.46
C LYS B 225 7.62 3.20 -4.81
N THR B 226 7.14 3.37 -6.06
CA THR B 226 6.64 4.64 -6.61
C THR B 226 7.77 5.35 -7.38
N TRP B 227 7.41 6.24 -8.29
CA TRP B 227 8.43 6.96 -9.05
C TRP B 227 9.00 8.07 -8.17
N VAL B 228 8.42 8.26 -6.97
CA VAL B 228 8.95 9.32 -6.11
C VAL B 228 10.42 9.03 -6.00
N ASP B 229 11.26 9.93 -6.50
CA ASP B 229 12.71 9.72 -6.39
C ASP B 229 12.76 10.00 -4.89
N GLN B 230 12.33 9.01 -4.14
CA GLN B 230 12.21 9.21 -2.70
C GLN B 230 13.12 8.29 -1.92
N LYS B 231 14.34 8.78 -1.75
CA LYS B 231 15.39 8.10 -1.01
C LYS B 231 14.85 6.95 -0.18
N SER B 232 14.91 5.74 -0.74
CA SER B 232 14.47 4.58 0.02
C SER B 232 15.66 3.64 0.10
N PRO B 233 16.84 4.18 0.48
CA PRO B 233 18.10 3.43 0.61
C PRO B 233 17.75 2.10 1.25
N VAL B 234 18.18 1.01 0.63
CA VAL B 234 17.89 -0.28 1.21
C VAL B 234 18.94 -0.57 2.29
N LEU B 235 18.58 -0.35 3.55
CA LEU B 235 19.48 -0.57 4.69
C LEU B 235 20.24 -1.91 4.71
N LEU B 236 19.60 -2.99 4.29
CA LEU B 236 20.25 -4.29 4.29
C LEU B 236 21.30 -4.48 3.19
N ASP B 237 21.37 -3.51 2.26
CA ASP B 237 22.36 -3.58 1.17
C ASP B 237 23.60 -2.79 1.53
N ASP B 238 23.58 -2.11 2.67
CA ASP B 238 24.71 -1.30 3.09
C ASP B 238 26.00 -2.11 3.13
N PRO B 239 27.04 -1.64 2.43
CA PRO B 239 28.35 -2.31 2.37
C PRO B 239 28.99 -2.49 3.74
N VAL B 240 28.96 -1.48 4.60
CA VAL B 240 29.57 -1.69 5.90
C VAL B 240 28.86 -2.86 6.60
N LEU B 241 27.52 -2.84 6.57
CA LEU B 241 26.74 -3.89 7.20
C LEU B 241 27.14 -5.22 6.62
N CYS B 242 27.03 -5.33 5.30
CA CYS B 242 27.38 -6.58 4.64
C CYS B 242 28.82 -7.00 4.93
N ALA B 243 29.70 -6.03 5.19
CA ALA B 243 31.08 -6.32 5.53
C ALA B 243 31.05 -7.08 6.85
N ILE B 244 30.58 -6.40 7.90
CA ILE B 244 30.51 -6.97 9.23
C ILE B 244 29.66 -8.26 9.33
N ALA B 245 28.66 -8.41 8.47
CA ALA B 245 27.87 -9.63 8.51
C ALA B 245 28.83 -10.73 8.03
N LYS B 246 29.42 -10.49 6.86
CA LYS B 246 30.36 -11.42 6.23
C LYS B 246 31.47 -11.85 7.19
N LYS B 247 31.90 -10.93 8.04
CA LYS B 247 32.94 -11.26 8.98
C LYS B 247 32.48 -12.19 10.07
N TYR B 248 31.25 -12.00 10.56
CA TYR B 248 30.78 -12.87 11.62
C TYR B 248 30.08 -14.11 11.04
N LYS B 249 30.07 -14.22 9.71
CA LYS B 249 29.41 -15.34 9.03
C LYS B 249 27.95 -15.35 9.46
N GLN B 250 27.34 -14.16 9.43
CA GLN B 250 25.94 -13.95 9.81
C GLN B 250 25.27 -13.29 8.61
N THR B 251 24.04 -12.82 8.74
CA THR B 251 23.38 -12.15 7.63
C THR B 251 23.30 -10.67 7.99
N PRO B 252 23.14 -9.78 7.00
CA PRO B 252 23.05 -8.34 7.31
C PRO B 252 21.96 -8.07 8.34
N ALA B 253 20.80 -8.71 8.15
CA ALA B 253 19.65 -8.57 9.05
C ALA B 253 19.91 -8.96 10.51
N LEU B 254 20.73 -9.98 10.76
CA LEU B 254 21.02 -10.40 12.14
C LEU B 254 21.97 -9.45 12.86
N VAL B 255 22.94 -8.92 12.13
CA VAL B 255 23.89 -7.97 12.70
C VAL B 255 23.15 -6.66 13.01
N ALA B 256 22.23 -6.29 12.11
CA ALA B 256 21.42 -5.09 12.26
C ALA B 256 20.54 -5.20 13.51
N LEU B 257 20.02 -6.41 13.73
CA LEU B 257 19.18 -6.71 14.88
C LEU B 257 20.03 -6.83 16.16
N ARG B 258 21.18 -7.51 16.05
CA ARG B 258 22.07 -7.70 17.20
C ARG B 258 22.56 -6.36 17.75
N TYR B 259 22.78 -5.41 16.85
CA TYR B 259 23.23 -4.06 17.18
C TYR B 259 22.21 -3.38 18.11
N GLN B 260 20.92 -3.50 17.78
CA GLN B 260 19.87 -2.90 18.62
C GLN B 260 19.85 -3.55 19.99
N LEU B 261 19.95 -4.87 20.01
CA LEU B 261 19.95 -5.63 21.27
C LEU B 261 21.13 -5.23 22.14
N GLN B 262 22.35 -5.23 21.61
CA GLN B 262 23.51 -4.85 22.41
C GLN B 262 23.47 -3.44 23.01
N ARG B 263 22.79 -2.50 22.34
CA ARG B 263 22.71 -1.13 22.87
C ARG B 263 21.52 -0.87 23.80
N GLY B 264 20.79 -1.92 24.16
CA GLY B 264 19.67 -1.75 25.08
C GLY B 264 18.29 -1.47 24.54
N VAL B 265 18.07 -1.83 23.29
CA VAL B 265 16.79 -1.62 22.64
C VAL B 265 16.04 -2.94 22.51
N VAL B 266 14.72 -2.89 22.65
CA VAL B 266 13.89 -4.07 22.49
C VAL B 266 13.40 -3.95 21.04
N PRO B 267 13.97 -4.73 20.12
CA PRO B 267 13.55 -4.65 18.72
C PRO B 267 12.21 -5.29 18.37
N LEU B 268 11.60 -4.74 17.34
CA LEU B 268 10.37 -5.23 16.78
C LEU B 268 10.84 -5.69 15.40
N ILE B 269 10.40 -6.86 14.96
CA ILE B 269 10.74 -7.39 13.66
C ILE B 269 9.45 -7.92 13.08
N ARG B 270 9.47 -8.30 11.82
CA ARG B 270 8.29 -8.84 11.18
C ARG B 270 8.62 -9.59 9.90
N SER B 271 8.23 -10.86 9.86
CA SER B 271 8.45 -11.66 8.69
C SER B 271 7.30 -12.63 8.61
N PHE B 272 6.78 -12.81 7.40
CA PHE B 272 5.70 -13.74 7.16
C PHE B 272 6.27 -14.95 6.45
N ASN B 273 7.59 -15.01 6.41
CA ASN B 273 8.34 -16.09 5.76
C ASN B 273 8.90 -16.99 6.85
N ALA B 274 8.50 -18.26 6.84
CA ALA B 274 8.93 -19.20 7.87
C ALA B 274 10.43 -19.39 8.00
N LYS B 275 11.17 -19.15 6.94
CA LYS B 275 12.62 -19.33 7.01
C LYS B 275 13.27 -18.09 7.64
N ARG B 276 12.73 -16.92 7.35
CA ARG B 276 13.29 -15.70 7.93
C ARG B 276 12.88 -15.54 9.40
N ILE B 277 11.75 -16.12 9.77
CA ILE B 277 11.27 -16.10 11.16
C ILE B 277 12.24 -16.93 12.00
N LYS B 278 12.63 -18.09 11.48
CA LYS B 278 13.56 -18.98 12.19
C LYS B 278 14.97 -18.41 12.19
N GLU B 279 15.31 -17.65 11.15
CA GLU B 279 16.62 -17.01 11.00
C GLU B 279 16.82 -16.11 12.22
N LEU B 280 15.85 -15.24 12.47
CA LEU B 280 15.88 -14.26 13.56
C LEU B 280 16.08 -14.80 14.99
N THR B 281 15.70 -16.04 15.24
CA THR B 281 15.85 -16.63 16.58
C THR B 281 17.30 -16.90 16.90
N GLN B 282 18.20 -16.78 15.94
CA GLN B 282 19.60 -17.05 16.20
C GLN B 282 20.38 -15.79 16.52
N VAL B 283 19.67 -14.68 16.69
CA VAL B 283 20.28 -13.40 16.97
C VAL B 283 21.25 -13.35 18.17
N PHE B 284 21.02 -14.17 19.19
CA PHE B 284 21.92 -14.15 20.36
C PHE B 284 23.10 -15.10 20.22
N GLU B 285 23.24 -15.73 19.06
CA GLU B 285 24.31 -16.66 18.85
C GLU B 285 25.70 -16.09 18.61
N PHE B 286 25.80 -14.77 18.60
CA PHE B 286 27.08 -14.12 18.42
C PHE B 286 27.05 -12.80 19.15
N GLN B 287 28.13 -12.05 19.01
CA GLN B 287 28.26 -10.75 19.64
C GLN B 287 29.00 -9.81 18.71
N LEU B 288 28.71 -8.52 18.84
CA LEU B 288 29.39 -7.53 18.03
C LEU B 288 30.46 -6.97 18.92
N ALA B 289 31.70 -7.09 18.46
CA ALA B 289 32.84 -6.55 19.17
C ALA B 289 32.71 -5.04 19.05
N SER B 290 33.09 -4.32 20.09
CA SER B 290 33.00 -2.87 20.11
C SER B 290 33.48 -2.16 18.83
N GLU B 291 34.62 -2.57 18.27
CA GLU B 291 35.09 -1.91 17.06
C GLU B 291 33.97 -1.96 16.04
N ASP B 292 33.31 -3.11 15.96
CA ASP B 292 32.21 -3.25 15.02
C ASP B 292 31.00 -2.43 15.46
N MET B 293 30.79 -2.30 16.77
CA MET B 293 29.66 -1.55 17.26
C MET B 293 29.81 -0.09 16.85
N LYS B 294 31.00 0.48 17.10
CA LYS B 294 31.30 1.87 16.72
C LYS B 294 31.16 2.03 15.21
N ALA B 295 31.60 1.01 14.49
CA ALA B 295 31.52 1.05 13.04
C ALA B 295 30.07 1.19 12.63
N LEU B 296 29.19 0.46 13.30
CA LEU B 296 27.76 0.48 12.98
C LEU B 296 27.17 1.79 13.43
N ASP B 297 27.60 2.31 14.58
CA ASP B 297 27.12 3.59 15.07
C ASP B 297 27.44 4.64 14.03
N GLY B 298 28.53 4.43 13.29
CA GLY B 298 28.91 5.39 12.28
C GLY B 298 27.91 5.53 11.14
N LEU B 299 27.09 4.52 10.90
CA LEU B 299 26.14 4.61 9.78
C LEU B 299 25.02 5.64 9.98
N ASN B 300 24.79 6.04 11.22
CA ASN B 300 23.73 6.97 11.52
C ASN B 300 23.69 8.19 10.62
N ARG B 301 22.87 8.16 9.58
CA ARG B 301 22.78 9.32 8.70
C ARG B 301 21.48 10.11 8.92
N ASN B 302 20.80 9.80 10.02
CA ASN B 302 19.56 10.45 10.42
C ASN B 302 18.37 10.39 9.50
N PHE B 303 18.37 9.39 8.62
CA PHE B 303 17.29 9.18 7.65
C PHE B 303 16.04 8.49 8.20
N ARG B 304 14.89 9.11 8.01
CA ARG B 304 13.64 8.56 8.48
C ARG B 304 12.83 8.01 7.31
N TYR B 305 12.37 6.78 7.44
CA TYR B 305 11.56 6.19 6.39
C TYR B 305 10.14 6.72 6.50
N ASN B 306 9.72 7.08 7.71
CA ASN B 306 8.38 7.61 7.98
C ASN B 306 7.34 7.13 6.98
N ASN B 307 7.18 5.82 6.91
CA ASN B 307 6.23 5.25 5.98
C ASN B 307 4.84 5.84 6.24
N ALA B 308 4.57 6.21 7.49
CA ALA B 308 3.28 6.79 7.84
C ALA B 308 3.18 8.31 7.58
N LYS B 309 4.19 8.87 6.91
CA LYS B 309 4.22 10.29 6.60
C LYS B 309 3.76 11.17 7.75
N TYR B 310 3.97 10.68 8.98
CA TYR B 310 3.56 11.43 10.15
C TYR B 310 4.55 12.55 10.47
N PHE B 311 5.81 12.20 10.63
CA PHE B 311 6.81 13.21 10.93
C PHE B 311 7.07 13.94 9.63
#